data_4LKC
#
_entry.id   4LKC
#
_cell.length_a   92.062
_cell.length_b   62.338
_cell.length_c   84.014
_cell.angle_alpha   90.00
_cell.angle_beta   90.00
_cell.angle_gamma   90.00
#
_symmetry.space_group_name_H-M   'P 21 21 2'
#
loop_
_entity.id
_entity.type
_entity.pdbx_description
1 polymer 'Fab fragment of PCSK9 antibody'
2 polymer 'Fab fragment of PCSK9 antibody'
3 water water
#
loop_
_entity_poly.entity_id
_entity_poly.type
_entity_poly.pdbx_seq_one_letter_code
_entity_poly.pdbx_strand_id
1 'polypeptide(L)'
;AIQLTQSPSSLSASVGDRVTITCRASQGISSALAWYQQKPGKAPKLLIYDASSLESGVPSRFSGSGSGTDFTLTISSLQP
EDFATYYCQQFNSYLITFGQGTRLEIKRTVAAPSVFIFPPSDEQLKSGTASVVCLLNNFYPREAKVQWKVDNALQSGNSQ
ESVTEQDSKDSTYSLSSTLTLSKADYEKHKVYACEVTHQGLSSPVTKSFNRGEC
;
A
2 'polypeptide(L)'
;EVQLVESGGGLVQPGGSLRLSCAASGFTFSSYDMHWVRQATGKGLEWVSAIGTAGDTYYPDSVKGRFTISRENAKNSLYL
QMNSLRAGDTAVYYCVREGTYYHDSGSDNYYSYGMDVWGQGTTVTVSSASTKGPSVFPLAPSSKSTSGGTAALGCLVKDY
FPEPVTVSWNSGALTSGVHTFPAVLQSSGLYSLSSVVTVPSSSLGTQTYICNVNHKPSNTKVDKRVEPSCDKTH
;
B
#
# COMPACT_ATOMS: atom_id res chain seq x y z
N ALA A 1 -4.03 -1.47 29.69
CA ALA A 1 -4.09 -1.06 28.28
C ALA A 1 -5.47 -1.35 27.70
N ILE A 2 -6.04 -0.36 26.96
CA ILE A 2 -7.35 -0.51 26.35
C ILE A 2 -7.25 -1.21 25.01
N GLN A 3 -7.89 -2.37 24.90
CA GLN A 3 -7.90 -3.14 23.67
C GLN A 3 -9.15 -2.73 22.87
N LEU A 4 -8.99 -2.48 21.56
CA LEU A 4 -10.12 -2.13 20.69
C LEU A 4 -10.28 -3.23 19.66
N THR A 5 -11.48 -3.83 19.58
CA THR A 5 -11.78 -4.92 18.66
C THR A 5 -12.79 -4.44 17.63
N GLN A 6 -12.44 -4.54 16.35
CA GLN A 6 -13.34 -4.13 15.29
C GLN A 6 -14.04 -5.30 14.69
N SER A 7 -15.28 -5.08 14.25
CA SER A 7 -16.04 -6.10 13.54
C SER A 7 -16.89 -5.50 12.41
N PRO A 8 -16.96 -6.14 11.23
CA PRO A 8 -16.21 -7.34 10.83
C PRO A 8 -14.75 -6.99 10.48
N SER A 9 -13.91 -7.98 10.22
CA SER A 9 -12.50 -7.74 9.85
C SER A 9 -12.43 -7.27 8.40
N SER A 10 -13.39 -7.74 7.59
CA SER A 10 -13.55 -7.44 6.18
C SER A 10 -15.02 -7.50 5.83
N LEU A 11 -15.41 -6.76 4.79
CA LEU A 11 -16.75 -6.77 4.22
C LEU A 11 -16.75 -6.22 2.80
N SER A 12 -17.75 -6.65 2.03
CA SER A 12 -17.94 -6.28 0.64
C SER A 12 -19.35 -5.75 0.48
N ALA A 13 -19.49 -4.54 -0.04
CA ALA A 13 -20.81 -3.95 -0.21
C ALA A 13 -20.90 -3.17 -1.50
N SER A 14 -22.12 -3.02 -2.02
CA SER A 14 -22.43 -2.36 -3.28
C SER A 14 -22.53 -0.84 -3.14
N VAL A 15 -22.48 -0.10 -4.27
CA VAL A 15 -22.64 1.36 -4.32
C VAL A 15 -24.11 1.63 -3.96
N GLY A 16 -24.33 2.52 -3.01
CA GLY A 16 -25.67 2.89 -2.54
C GLY A 16 -26.07 2.19 -1.25
N ASP A 17 -25.32 1.15 -0.85
CA ASP A 17 -25.54 0.37 0.37
C ASP A 17 -25.16 1.13 1.64
N ARG A 18 -25.82 0.78 2.76
CA ARG A 18 -25.55 1.32 4.09
C ARG A 18 -24.65 0.29 4.78
N VAL A 19 -23.48 0.73 5.21
CA VAL A 19 -22.47 -0.11 5.86
C VAL A 19 -22.27 0.33 7.30
N THR A 20 -22.14 -0.64 8.22
CA THR A 20 -21.94 -0.43 9.65
C THR A 20 -20.67 -1.18 10.11
N ILE A 21 -19.76 -0.47 10.78
CA ILE A 21 -18.51 -1.01 11.31
C ILE A 21 -18.49 -0.78 12.83
N THR A 22 -18.29 -1.86 13.59
CA THR A 22 -18.28 -1.88 15.06
C THR A 22 -16.85 -1.80 15.62
N CYS A 23 -16.71 -1.15 16.77
CA CYS A 23 -15.46 -1.01 17.52
C CYS A 23 -15.82 -1.19 18.99
N ARG A 24 -15.31 -2.26 19.60
CA ARG A 24 -15.59 -2.58 21.00
C ARG A 24 -14.33 -2.34 21.84
N ALA A 25 -14.47 -1.55 22.92
CA ALA A 25 -13.39 -1.25 23.84
C ALA A 25 -13.42 -2.21 25.03
N SER A 26 -12.23 -2.66 25.51
CA SER A 26 -12.11 -3.62 26.62
C SER A 26 -12.54 -3.02 27.98
N GLN A 27 -12.52 -1.68 28.09
CA GLN A 27 -12.90 -0.86 29.24
C GLN A 27 -13.68 0.33 28.70
N GLY A 28 -14.47 0.95 29.59
CA GLY A 28 -15.24 2.14 29.28
C GLY A 28 -14.32 3.31 28.92
N ILE A 29 -14.61 3.95 27.79
CA ILE A 29 -13.79 5.07 27.31
C ILE A 29 -14.62 6.35 27.07
N SER A 30 -15.88 6.39 27.57
CA SER A 30 -16.84 7.50 27.38
C SER A 30 -17.07 7.71 25.86
N SER A 31 -16.72 8.90 25.31
CA SER A 31 -16.85 9.17 23.87
C SER A 31 -15.49 9.48 23.23
N ALA A 32 -14.39 9.09 23.90
CA ALA A 32 -13.02 9.36 23.46
C ALA A 32 -12.56 8.39 22.36
N LEU A 33 -13.33 8.32 21.27
CA LEU A 33 -13.04 7.44 20.15
C LEU A 33 -13.10 8.16 18.80
N ALA A 34 -12.05 7.99 18.00
CA ALA A 34 -11.92 8.56 16.67
C ALA A 34 -11.91 7.45 15.62
N TRP A 35 -12.39 7.78 14.41
CA TRP A 35 -12.43 6.88 13.27
C TRP A 35 -11.59 7.49 12.17
N TYR A 36 -10.91 6.61 11.42
CA TYR A 36 -9.99 6.98 10.34
C TYR A 36 -10.25 6.17 9.10
N GLN A 37 -9.94 6.75 7.94
CA GLN A 37 -10.03 6.06 6.65
C GLN A 37 -8.64 5.97 6.05
N GLN A 38 -8.19 4.75 5.71
CA GLN A 38 -6.89 4.59 5.04
C GLN A 38 -7.00 4.01 3.63
N LYS A 39 -6.68 4.85 2.64
CA LYS A 39 -6.64 4.47 1.23
C LYS A 39 -5.26 3.86 0.95
N PRO A 40 -5.12 2.93 -0.02
CA PRO A 40 -3.81 2.29 -0.27
C PRO A 40 -2.70 3.25 -0.71
N GLY A 41 -1.54 3.08 -0.09
CA GLY A 41 -0.37 3.92 -0.32
C GLY A 41 -0.45 5.30 0.32
N LYS A 42 -1.53 5.55 1.10
CA LYS A 42 -1.74 6.85 1.74
C LYS A 42 -1.81 6.73 3.24
N ALA A 43 -1.54 7.84 3.93
CA ALA A 43 -1.65 7.92 5.38
C ALA A 43 -3.16 7.92 5.76
N PRO A 44 -3.57 7.48 6.98
CA PRO A 44 -5.01 7.57 7.34
C PRO A 44 -5.50 9.01 7.43
N LYS A 45 -6.80 9.18 7.22
CA LYS A 45 -7.50 10.44 7.25
C LYS A 45 -8.53 10.39 8.39
N LEU A 46 -8.58 11.44 9.23
CA LEU A 46 -9.57 11.48 10.29
C LEU A 46 -10.99 11.75 9.72
N LEU A 47 -11.97 10.94 10.11
CA LEU A 47 -13.35 11.09 9.66
C LEU A 47 -14.22 11.62 10.78
N ILE A 48 -14.13 10.98 11.96
CA ILE A 48 -14.95 11.27 13.13
C ILE A 48 -14.10 11.34 14.40
N TYR A 49 -14.40 12.32 15.26
CA TYR A 49 -13.75 12.48 16.55
C TYR A 49 -14.85 12.53 17.60
N ASP A 50 -14.51 12.34 18.89
CA ASP A 50 -15.47 12.36 20.00
C ASP A 50 -16.68 11.44 19.72
N ALA A 51 -16.39 10.26 19.11
CA ALA A 51 -17.34 9.20 18.76
C ALA A 51 -18.40 9.56 17.72
N SER A 52 -18.84 10.83 17.66
CA SER A 52 -19.92 11.22 16.75
C SER A 52 -19.73 12.52 15.98
N SER A 53 -18.66 13.29 16.26
CA SER A 53 -18.46 14.57 15.60
C SER A 53 -17.76 14.41 14.27
N LEU A 54 -18.38 14.96 13.21
CA LEU A 54 -17.89 14.90 11.83
C LEU A 54 -16.73 15.88 11.62
N GLU A 55 -15.55 15.34 11.26
CA GLU A 55 -14.35 16.15 11.00
C GLU A 55 -14.55 17.03 9.75
N SER A 56 -13.97 18.24 9.73
CA SER A 56 -14.05 19.16 8.58
C SER A 56 -13.59 18.49 7.27
N GLY A 57 -14.29 18.78 6.18
CA GLY A 57 -13.97 18.23 4.87
C GLY A 57 -14.45 16.81 4.62
N VAL A 58 -15.05 16.16 5.63
CA VAL A 58 -15.54 14.78 5.51
C VAL A 58 -17.01 14.79 5.06
N PRO A 59 -17.36 14.07 3.96
CA PRO A 59 -18.76 14.06 3.50
C PRO A 59 -19.72 13.54 4.58
N SER A 60 -20.98 14.00 4.54
CA SER A 60 -22.00 13.64 5.53
C SER A 60 -22.41 12.15 5.56
N ARG A 61 -22.06 11.37 4.51
CA ARG A 61 -22.38 9.94 4.46
C ARG A 61 -21.67 9.13 5.56
N PHE A 62 -20.60 9.70 6.12
CA PHE A 62 -19.86 9.13 7.25
C PHE A 62 -20.40 9.69 8.55
N SER A 63 -20.79 8.79 9.46
CA SER A 63 -21.28 9.17 10.78
C SER A 63 -20.81 8.18 11.85
N GLY A 64 -20.70 8.66 13.07
CA GLY A 64 -20.29 7.87 14.22
C GLY A 64 -21.35 7.91 15.31
N SER A 65 -21.42 6.83 16.11
CA SER A 65 -22.36 6.72 17.24
C SER A 65 -21.76 5.81 18.30
N GLY A 66 -22.34 5.86 19.51
CA GLY A 66 -21.93 5.05 20.65
C GLY A 66 -21.21 5.81 21.75
N SER A 67 -21.07 5.15 22.90
CA SER A 67 -20.40 5.64 24.10
C SER A 67 -20.07 4.43 24.96
N GLY A 68 -19.22 4.61 25.98
CA GLY A 68 -18.86 3.55 26.90
C GLY A 68 -17.89 2.56 26.33
N THR A 69 -18.40 1.42 25.81
CA THR A 69 -17.57 0.35 25.22
C THR A 69 -17.95 -0.05 23.80
N ASP A 70 -19.12 0.38 23.29
CA ASP A 70 -19.65 0.00 21.97
C ASP A 70 -19.81 1.18 21.04
N PHE A 71 -19.08 1.15 19.93
CA PHE A 71 -19.01 2.26 18.98
C PHE A 71 -19.28 1.79 17.56
N THR A 72 -19.88 2.65 16.76
CA THR A 72 -20.24 2.33 15.38
C THR A 72 -19.85 3.41 14.37
N LEU A 73 -19.32 2.98 13.23
CA LEU A 73 -19.04 3.81 12.07
C LEU A 73 -20.08 3.43 11.00
N THR A 74 -20.83 4.41 10.51
CA THR A 74 -21.82 4.15 9.46
C THR A 74 -21.49 4.93 8.18
N ILE A 75 -21.53 4.24 7.03
CA ILE A 75 -21.39 4.84 5.71
C ILE A 75 -22.76 4.62 5.07
N SER A 76 -23.60 5.68 5.08
CA SER A 76 -24.99 5.69 4.64
C SER A 76 -25.27 5.30 3.20
N SER A 77 -24.42 5.75 2.25
CA SER A 77 -24.63 5.43 0.85
C SER A 77 -23.28 5.29 0.16
N LEU A 78 -22.77 4.04 0.13
CA LEU A 78 -21.46 3.74 -0.43
C LEU A 78 -21.19 4.33 -1.81
N GLN A 79 -19.97 4.82 -1.98
CA GLN A 79 -19.46 5.39 -3.22
C GLN A 79 -18.25 4.54 -3.63
N PRO A 80 -17.87 4.44 -4.93
CA PRO A 80 -16.73 3.59 -5.31
C PRO A 80 -15.41 3.91 -4.61
N GLU A 81 -15.17 5.20 -4.31
CA GLU A 81 -13.97 5.69 -3.64
C GLU A 81 -13.98 5.41 -2.13
N ASP A 82 -15.03 4.76 -1.62
CA ASP A 82 -15.10 4.44 -0.19
C ASP A 82 -14.33 3.19 0.21
N PHE A 83 -13.78 2.46 -0.78
CA PHE A 83 -12.97 1.28 -0.51
C PHE A 83 -11.72 1.75 0.24
N ALA A 84 -11.45 1.13 1.39
CA ALA A 84 -10.33 1.51 2.25
C ALA A 84 -10.29 0.56 3.44
N THR A 85 -9.32 0.78 4.32
CA THR A 85 -9.22 0.11 5.61
C THR A 85 -9.63 1.19 6.64
N TYR A 86 -10.65 0.90 7.45
CA TYR A 86 -11.16 1.82 8.46
C TYR A 86 -10.68 1.43 9.84
N TYR A 87 -10.24 2.41 10.64
CA TYR A 87 -9.70 2.19 11.98
C TYR A 87 -10.36 3.05 13.05
N CYS A 88 -10.58 2.47 14.24
CA CYS A 88 -11.02 3.22 15.40
C CYS A 88 -9.79 3.38 16.29
N GLN A 89 -9.78 4.43 17.12
CA GLN A 89 -8.66 4.77 17.97
C GLN A 89 -9.17 5.50 19.19
N GLN A 90 -8.61 5.18 20.37
CA GLN A 90 -9.04 5.82 21.61
C GLN A 90 -8.05 6.84 22.17
N PHE A 91 -8.60 7.86 22.88
CA PHE A 91 -7.89 8.95 23.54
C PHE A 91 -8.21 8.97 25.04
N ASN A 92 -8.73 7.87 25.55
CA ASN A 92 -9.06 7.76 26.97
C ASN A 92 -7.82 7.70 27.86
N SER A 93 -6.87 6.88 27.45
CA SER A 93 -5.59 6.71 28.12
C SER A 93 -4.49 7.43 27.34
N TYR A 94 -3.39 7.78 28.03
CA TYR A 94 -2.20 8.39 27.41
C TYR A 94 -1.58 7.35 26.46
N LEU A 95 -1.71 6.06 26.80
CA LEU A 95 -1.25 4.96 25.97
C LEU A 95 -2.29 4.71 24.89
N ILE A 96 -2.15 5.43 23.76
CA ILE A 96 -3.08 5.36 22.62
C ILE A 96 -3.09 3.97 22.02
N THR A 97 -4.30 3.50 21.62
CA THR A 97 -4.47 2.21 20.95
C THR A 97 -5.40 2.36 19.76
N PHE A 98 -5.28 1.45 18.79
CA PHE A 98 -6.11 1.41 17.60
C PHE A 98 -6.72 0.03 17.51
N GLY A 99 -7.89 -0.05 16.85
CA GLY A 99 -8.50 -1.34 16.50
C GLY A 99 -7.66 -1.96 15.40
N GLN A 100 -7.90 -3.24 15.09
CA GLN A 100 -7.12 -3.98 14.08
C GLN A 100 -7.39 -3.55 12.64
N GLY A 101 -8.52 -2.86 12.42
CA GLY A 101 -8.92 -2.38 11.11
C GLY A 101 -10.00 -3.22 10.46
N THR A 102 -10.73 -2.60 9.52
CA THR A 102 -11.81 -3.24 8.76
C THR A 102 -11.60 -2.89 7.29
N ARG A 103 -11.31 -3.90 6.48
CA ARG A 103 -11.10 -3.73 5.05
C ARG A 103 -12.46 -3.71 4.34
N LEU A 104 -12.77 -2.61 3.66
CA LEU A 104 -14.02 -2.44 2.95
C LEU A 104 -13.80 -2.49 1.46
N GLU A 105 -14.42 -3.49 0.83
CA GLU A 105 -14.37 -3.70 -0.61
C GLU A 105 -15.71 -3.24 -1.20
N ILE A 106 -15.65 -2.63 -2.40
CA ILE A 106 -16.84 -2.19 -3.12
C ILE A 106 -17.25 -3.29 -4.09
N LYS A 107 -18.45 -3.85 -3.89
CA LYS A 107 -19.05 -4.86 -4.77
C LYS A 107 -19.34 -4.20 -6.09
N ARG A 108 -19.16 -4.94 -7.16
CA ARG A 108 -19.24 -4.44 -8.52
C ARG A 108 -19.83 -5.53 -9.43
N THR A 109 -20.18 -5.18 -10.69
CA THR A 109 -20.64 -6.18 -11.66
C THR A 109 -19.42 -7.02 -12.07
N VAL A 110 -19.64 -8.29 -12.41
CA VAL A 110 -18.56 -9.19 -12.84
C VAL A 110 -17.92 -8.62 -14.12
N ALA A 111 -16.58 -8.60 -14.17
CA ALA A 111 -15.81 -8.13 -15.32
C ALA A 111 -14.66 -9.11 -15.53
N ALA A 112 -14.63 -9.72 -16.72
CA ALA A 112 -13.63 -10.71 -17.09
C ALA A 112 -12.26 -10.05 -17.24
N PRO A 113 -11.15 -10.73 -16.86
CA PRO A 113 -9.83 -10.12 -17.10
C PRO A 113 -9.43 -10.20 -18.57
N SER A 114 -8.55 -9.29 -18.98
CA SER A 114 -7.87 -9.30 -20.27
C SER A 114 -6.54 -9.97 -19.90
N VAL A 115 -6.18 -11.05 -20.61
CA VAL A 115 -4.97 -11.82 -20.30
C VAL A 115 -3.82 -11.60 -21.30
N PHE A 116 -2.62 -11.41 -20.77
CA PHE A 116 -1.41 -11.21 -21.57
C PHE A 116 -0.26 -12.01 -20.97
N ILE A 117 0.51 -12.69 -21.81
CA ILE A 117 1.68 -13.44 -21.37
C ILE A 117 2.94 -12.74 -21.91
N PHE A 118 4.00 -12.70 -21.08
CA PHE A 118 5.25 -12.06 -21.46
C PHE A 118 6.41 -13.03 -21.33
N PRO A 119 7.14 -13.27 -22.45
CA PRO A 119 8.32 -14.13 -22.35
C PRO A 119 9.46 -13.38 -21.65
N PRO A 120 10.48 -14.09 -21.09
CA PRO A 120 11.63 -13.35 -20.52
C PRO A 120 12.38 -12.62 -21.62
N SER A 121 12.98 -11.48 -21.27
CA SER A 121 13.77 -10.70 -22.21
C SER A 121 15.11 -11.40 -22.45
N ASP A 122 15.75 -11.14 -23.61
CA ASP A 122 17.07 -11.70 -23.94
C ASP A 122 18.09 -11.23 -22.90
N GLU A 123 17.99 -9.94 -22.46
CA GLU A 123 18.85 -9.31 -21.45
C GLU A 123 18.87 -10.12 -20.13
N GLN A 124 17.68 -10.55 -19.65
CA GLN A 124 17.59 -11.36 -18.42
C GLN A 124 18.21 -12.73 -18.58
N LEU A 125 17.96 -13.38 -19.72
CA LEU A 125 18.48 -14.72 -20.03
C LEU A 125 20.01 -14.85 -19.93
N LYS A 126 20.73 -13.74 -20.17
CA LYS A 126 22.19 -13.64 -20.08
C LYS A 126 22.69 -13.80 -18.63
N SER A 127 21.84 -13.45 -17.64
CA SER A 127 22.13 -13.53 -16.20
C SER A 127 21.92 -14.92 -15.57
N GLY A 128 21.37 -15.86 -16.35
CA GLY A 128 21.11 -17.23 -15.90
C GLY A 128 19.74 -17.51 -15.32
N THR A 129 18.80 -16.55 -15.39
CA THR A 129 17.41 -16.71 -14.91
C THR A 129 16.36 -16.24 -15.94
N ALA A 130 15.20 -16.90 -15.94
CA ALA A 130 14.09 -16.56 -16.83
C ALA A 130 12.83 -16.30 -16.02
N SER A 131 12.29 -15.06 -16.14
CA SER A 131 11.03 -14.69 -15.51
C SER A 131 9.95 -14.64 -16.59
N VAL A 132 8.86 -15.38 -16.39
CA VAL A 132 7.74 -15.43 -17.33
C VAL A 132 6.54 -14.79 -16.61
N VAL A 133 6.01 -13.69 -17.17
CA VAL A 133 4.95 -12.92 -16.55
C VAL A 133 3.58 -13.08 -17.24
N CYS A 134 2.55 -13.31 -16.42
CA CYS A 134 1.17 -13.37 -16.87
C CYS A 134 0.42 -12.22 -16.24
N LEU A 135 -0.31 -11.49 -17.06
CA LEU A 135 -1.06 -10.34 -16.57
C LEU A 135 -2.55 -10.58 -16.73
N LEU A 136 -3.30 -10.31 -15.66
CA LEU A 136 -4.76 -10.37 -15.60
C LEU A 136 -5.15 -8.92 -15.37
N ASN A 137 -5.67 -8.27 -16.42
CA ASN A 137 -5.97 -6.85 -16.39
C ASN A 137 -7.45 -6.48 -16.21
N ASN A 138 -7.72 -5.64 -15.21
CA ASN A 138 -9.04 -5.06 -14.88
C ASN A 138 -10.22 -6.02 -14.71
N PHE A 139 -10.22 -6.81 -13.65
CA PHE A 139 -11.26 -7.80 -13.43
C PHE A 139 -11.97 -7.67 -12.09
N TYR A 140 -13.15 -8.31 -11.98
CA TYR A 140 -13.98 -8.37 -10.77
C TYR A 140 -14.90 -9.60 -10.83
N PRO A 141 -15.05 -10.44 -9.76
CA PRO A 141 -14.45 -10.34 -8.40
C PRO A 141 -12.95 -10.64 -8.30
N ARG A 142 -12.41 -10.53 -7.11
CA ARG A 142 -10.99 -10.73 -6.87
C ARG A 142 -10.48 -12.17 -7.10
N GLU A 143 -11.31 -13.15 -6.75
CA GLU A 143 -11.04 -14.58 -6.93
C GLU A 143 -10.62 -14.92 -8.37
N ALA A 144 -9.39 -15.41 -8.55
CA ALA A 144 -8.83 -15.81 -9.83
C ALA A 144 -7.81 -16.92 -9.67
N LYS A 145 -7.94 -17.96 -10.49
CA LYS A 145 -7.02 -19.09 -10.48
C LYS A 145 -6.11 -18.97 -11.68
N VAL A 146 -4.81 -18.90 -11.41
CA VAL A 146 -3.76 -18.77 -12.42
C VAL A 146 -2.85 -20.00 -12.32
N GLN A 147 -2.80 -20.79 -13.39
CA GLN A 147 -1.97 -21.97 -13.48
C GLN A 147 -0.99 -21.83 -14.62
N TRP A 148 0.27 -22.17 -14.37
CA TRP A 148 1.34 -22.17 -15.36
C TRP A 148 1.54 -23.58 -15.85
N LYS A 149 1.76 -23.73 -17.16
CA LYS A 149 2.04 -25.00 -17.81
C LYS A 149 3.24 -24.83 -18.73
N VAL A 150 4.21 -25.75 -18.61
CA VAL A 150 5.43 -25.75 -19.42
C VAL A 150 5.43 -27.12 -20.11
N ASP A 151 5.28 -27.11 -21.45
CA ASP A 151 5.10 -28.32 -22.27
C ASP A 151 3.95 -29.17 -21.71
N ASN A 152 2.84 -28.48 -21.35
CA ASN A 152 1.62 -29.00 -20.77
C ASN A 152 1.74 -29.67 -19.36
N ALA A 153 2.89 -29.49 -18.68
CA ALA A 153 3.10 -29.99 -17.32
C ALA A 153 2.78 -28.87 -16.32
N LEU A 154 1.83 -29.13 -15.39
CA LEU A 154 1.42 -28.17 -14.37
C LEU A 154 2.58 -27.81 -13.45
N GLN A 155 2.79 -26.52 -13.23
CA GLN A 155 3.88 -26.02 -12.41
C GLN A 155 3.43 -25.76 -10.98
N SER A 156 4.34 -25.98 -10.04
CA SER A 156 4.05 -25.78 -8.62
C SER A 156 5.26 -25.25 -7.86
N GLY A 157 5.01 -24.29 -6.98
CA GLY A 157 6.02 -23.69 -6.11
C GLY A 157 7.09 -22.85 -6.77
N ASN A 158 6.90 -22.49 -8.05
CA ASN A 158 7.88 -21.68 -8.80
C ASN A 158 7.25 -20.39 -9.37
N SER A 159 6.07 -20.00 -8.84
CA SER A 159 5.40 -18.77 -9.22
C SER A 159 4.94 -17.96 -8.02
N GLN A 160 4.83 -16.63 -8.18
CA GLN A 160 4.37 -15.71 -7.16
C GLN A 160 3.42 -14.72 -7.77
N GLU A 161 2.37 -14.37 -7.03
CA GLU A 161 1.37 -13.42 -7.48
C GLU A 161 1.44 -12.08 -6.76
N SER A 162 1.04 -11.02 -7.46
CA SER A 162 0.88 -9.67 -6.92
C SER A 162 -0.43 -9.14 -7.46
N VAL A 163 -1.20 -8.49 -6.60
CA VAL A 163 -2.51 -7.96 -6.97
C VAL A 163 -2.59 -6.48 -6.60
N THR A 164 -3.12 -5.65 -7.53
CA THR A 164 -3.27 -4.22 -7.26
C THR A 164 -4.46 -4.02 -6.32
N GLU A 165 -4.51 -2.84 -5.71
CA GLU A 165 -5.65 -2.50 -4.86
C GLU A 165 -6.80 -2.11 -5.79
N GLN A 166 -8.04 -2.26 -5.33
CA GLN A 166 -9.24 -1.95 -6.11
C GLN A 166 -9.11 -0.60 -6.79
N ASP A 167 -9.43 -0.50 -8.08
CA ASP A 167 -9.34 0.78 -8.80
C ASP A 167 -10.44 1.70 -8.22
N SER A 168 -10.06 2.92 -7.80
CA SER A 168 -10.98 3.89 -7.15
C SER A 168 -12.21 4.32 -7.99
N LYS A 169 -12.14 4.13 -9.31
CA LYS A 169 -13.20 4.49 -10.24
C LYS A 169 -14.00 3.27 -10.72
N ASP A 170 -13.35 2.34 -11.48
CA ASP A 170 -14.02 1.16 -12.02
C ASP A 170 -14.17 -0.01 -11.04
N SER A 171 -13.54 0.08 -9.85
CA SER A 171 -13.56 -0.95 -8.79
C SER A 171 -12.95 -2.32 -9.18
N THR A 172 -12.06 -2.35 -10.19
CA THR A 172 -11.43 -3.60 -10.62
C THR A 172 -10.05 -3.84 -9.99
N TYR A 173 -9.58 -5.08 -10.13
CA TYR A 173 -8.26 -5.54 -9.70
C TYR A 173 -7.48 -5.93 -10.93
N SER A 174 -6.16 -5.92 -10.81
CA SER A 174 -5.28 -6.43 -11.83
C SER A 174 -4.30 -7.34 -11.13
N LEU A 175 -3.87 -8.41 -11.79
CA LEU A 175 -3.02 -9.38 -11.14
C LEU A 175 -1.85 -9.74 -12.02
N SER A 176 -0.67 -9.86 -11.40
CA SER A 176 0.53 -10.34 -12.07
C SER A 176 0.88 -11.68 -11.47
N SER A 177 1.27 -12.64 -12.31
CA SER A 177 1.77 -13.94 -11.89
C SER A 177 3.09 -14.08 -12.58
N THR A 178 4.16 -14.34 -11.81
CA THR A 178 5.51 -14.47 -12.33
C THR A 178 6.06 -15.86 -12.10
N LEU A 179 6.44 -16.54 -13.19
CA LEU A 179 7.07 -17.86 -13.16
C LEU A 179 8.59 -17.70 -13.25
N THR A 180 9.32 -18.20 -12.23
CA THR A 180 10.78 -18.11 -12.20
C THR A 180 11.44 -19.46 -12.49
N LEU A 181 12.34 -19.48 -13.48
CA LEU A 181 13.08 -20.67 -13.93
C LEU A 181 14.50 -20.26 -14.27
N SER A 182 15.45 -21.22 -14.17
CA SER A 182 16.84 -20.98 -14.56
C SER A 182 16.87 -20.95 -16.09
N LYS A 183 17.91 -20.33 -16.69
CA LYS A 183 18.09 -20.24 -18.13
C LYS A 183 18.05 -21.64 -18.77
N ALA A 184 18.79 -22.62 -18.18
CA ALA A 184 18.89 -24.01 -18.65
C ALA A 184 17.55 -24.74 -18.66
N ASP A 185 16.71 -24.57 -17.62
CA ASP A 185 15.37 -25.18 -17.58
C ASP A 185 14.44 -24.54 -18.61
N TYR A 186 14.56 -23.21 -18.82
CA TYR A 186 13.74 -22.47 -19.79
C TYR A 186 14.04 -22.90 -21.22
N GLU A 187 15.33 -23.08 -21.55
CA GLU A 187 15.80 -23.50 -22.87
C GLU A 187 15.47 -24.98 -23.16
N LYS A 188 15.19 -25.77 -22.10
CA LYS A 188 14.83 -27.20 -22.19
C LYS A 188 13.44 -27.38 -22.82
N HIS A 189 12.53 -26.41 -22.61
CA HIS A 189 11.13 -26.49 -23.04
C HIS A 189 10.68 -25.45 -24.09
N LYS A 190 9.61 -25.78 -24.84
CA LYS A 190 9.07 -24.95 -25.92
C LYS A 190 7.80 -24.15 -25.57
N VAL A 191 6.75 -24.83 -25.07
CA VAL A 191 5.44 -24.21 -24.80
C VAL A 191 5.25 -23.67 -23.39
N TYR A 192 5.07 -22.34 -23.32
CA TYR A 192 4.85 -21.61 -22.07
C TYR A 192 3.45 -21.05 -22.05
N ALA A 193 2.61 -21.60 -21.17
CA ALA A 193 1.21 -21.26 -21.10
C ALA A 193 0.77 -20.84 -19.72
N CYS A 194 -0.08 -19.81 -19.69
CA CYS A 194 -0.71 -19.27 -18.49
C CYS A 194 -2.22 -19.48 -18.67
N GLU A 195 -2.85 -20.27 -17.79
CA GLU A 195 -4.28 -20.55 -17.85
C GLU A 195 -5.03 -19.84 -16.71
N VAL A 196 -6.00 -18.99 -17.08
CA VAL A 196 -6.78 -18.18 -16.16
C VAL A 196 -8.23 -18.66 -16.01
N THR A 197 -8.66 -18.89 -14.76
CA THR A 197 -10.03 -19.29 -14.39
C THR A 197 -10.58 -18.15 -13.58
N HIS A 198 -11.72 -17.62 -14.02
CA HIS A 198 -12.40 -16.47 -13.40
C HIS A 198 -13.89 -16.51 -13.75
N GLN A 199 -14.74 -16.03 -12.85
CA GLN A 199 -16.20 -16.00 -12.98
C GLN A 199 -16.71 -15.29 -14.25
N GLY A 200 -16.02 -14.22 -14.69
CA GLY A 200 -16.36 -13.46 -15.89
C GLY A 200 -16.07 -14.16 -17.21
N LEU A 201 -15.25 -15.20 -17.17
CA LEU A 201 -14.87 -15.98 -18.35
C LEU A 201 -15.84 -17.17 -18.49
N SER A 202 -16.26 -17.51 -19.73
CA SER A 202 -17.18 -18.62 -20.01
C SER A 202 -16.52 -20.02 -19.86
N SER A 203 -15.18 -20.06 -19.95
CA SER A 203 -14.32 -21.23 -19.77
C SER A 203 -12.90 -20.70 -19.47
N PRO A 204 -11.94 -21.50 -18.94
CA PRO A 204 -10.61 -20.93 -18.67
C PRO A 204 -9.88 -20.45 -19.93
N VAL A 205 -9.23 -19.26 -19.83
CA VAL A 205 -8.48 -18.68 -20.94
C VAL A 205 -6.99 -19.02 -20.78
N THR A 206 -6.37 -19.48 -21.87
CA THR A 206 -4.95 -19.81 -21.92
C THR A 206 -4.23 -18.83 -22.85
N LYS A 207 -3.18 -18.18 -22.34
CA LYS A 207 -2.31 -17.33 -23.16
C LYS A 207 -1.00 -18.08 -23.24
N SER A 208 -0.51 -18.33 -24.46
CA SER A 208 0.73 -19.06 -24.65
C SER A 208 1.67 -18.48 -25.69
N PHE A 209 2.94 -18.89 -25.64
CA PHE A 209 3.97 -18.55 -26.60
C PHE A 209 4.91 -19.74 -26.75
N ASN A 210 5.60 -19.81 -27.90
CA ASN A 210 6.60 -20.85 -28.15
C ASN A 210 7.96 -20.18 -28.00
N ARG A 211 8.83 -20.73 -27.14
CA ARG A 211 10.17 -20.18 -26.91
C ARG A 211 10.94 -20.08 -28.24
N GLY A 212 11.37 -18.87 -28.55
CA GLY A 212 12.12 -18.57 -29.77
C GLY A 212 11.30 -17.88 -30.84
N GLU A 213 10.05 -18.36 -31.06
CA GLU A 213 9.10 -17.86 -32.06
C GLU A 213 8.66 -16.42 -31.81
N GLU B 1 -1.03 26.26 3.94
CA GLU B 1 -1.13 24.83 3.65
C GLU B 1 -0.43 23.99 4.74
N VAL B 2 -1.23 23.21 5.47
CA VAL B 2 -0.76 22.38 6.57
C VAL B 2 -0.08 21.12 6.02
N GLN B 3 1.17 20.89 6.42
CA GLN B 3 1.91 19.70 6.01
C GLN B 3 2.92 19.23 7.04
N LEU B 4 3.23 17.92 6.98
CA LEU B 4 4.20 17.24 7.82
C LEU B 4 5.05 16.41 6.88
N VAL B 5 6.38 16.63 6.91
CA VAL B 5 7.30 15.91 6.01
C VAL B 5 8.31 15.14 6.83
N GLU B 6 8.25 13.82 6.76
CA GLU B 6 9.19 12.98 7.50
C GLU B 6 10.45 12.70 6.68
N SER B 7 11.58 12.52 7.36
CA SER B 7 12.86 12.14 6.75
C SER B 7 13.71 11.30 7.74
N GLY B 8 14.77 10.69 7.23
CA GLY B 8 15.66 9.89 8.06
C GLY B 8 15.42 8.40 8.03
N GLY B 9 14.35 7.94 7.39
CA GLY B 9 14.04 6.52 7.27
C GLY B 9 15.02 5.84 6.34
N GLY B 10 15.52 4.66 6.74
CA GLY B 10 16.48 3.92 5.94
C GLY B 10 16.75 2.50 6.44
N LEU B 11 17.66 1.80 5.76
CA LEU B 11 18.06 0.44 6.12
C LEU B 11 19.10 0.52 7.24
N VAL B 12 18.86 -0.22 8.32
CA VAL B 12 19.73 -0.22 9.48
C VAL B 12 19.97 -1.67 9.96
N GLN B 13 21.15 -1.94 10.55
CA GLN B 13 21.46 -3.28 11.06
C GLN B 13 20.65 -3.54 12.33
N PRO B 14 20.28 -4.82 12.63
CA PRO B 14 19.68 -5.13 13.95
C PRO B 14 20.63 -4.67 15.07
N GLY B 15 20.08 -4.07 16.11
CA GLY B 15 20.84 -3.51 17.23
C GLY B 15 21.33 -2.09 16.95
N GLY B 16 21.17 -1.63 15.70
CA GLY B 16 21.58 -0.30 15.27
C GLY B 16 20.66 0.82 15.73
N SER B 17 20.98 2.04 15.29
CA SER B 17 20.26 3.28 15.64
C SER B 17 19.92 4.11 14.43
N LEU B 18 18.85 4.88 14.52
CA LEU B 18 18.39 5.76 13.45
C LEU B 18 17.60 6.91 14.07
N ARG B 19 17.75 8.13 13.52
CA ARG B 19 17.02 9.30 13.98
C ARG B 19 16.08 9.78 12.89
N LEU B 20 14.78 9.79 13.18
CA LEU B 20 13.78 10.29 12.23
C LEU B 20 13.52 11.72 12.55
N SER B 21 13.18 12.51 11.52
CA SER B 21 12.85 13.90 11.70
C SER B 21 11.56 14.21 10.94
N CYS B 22 10.87 15.23 11.40
CA CYS B 22 9.61 15.63 10.78
C CYS B 22 9.58 17.14 10.71
N ALA B 23 9.43 17.67 9.48
CA ALA B 23 9.37 19.10 9.23
C ALA B 23 7.91 19.57 9.16
N ALA B 24 7.49 20.43 10.09
CA ALA B 24 6.13 20.95 10.14
C ALA B 24 6.04 22.36 9.55
N SER B 25 4.94 22.65 8.83
CA SER B 25 4.67 23.96 8.23
C SER B 25 3.15 24.19 8.04
N GLY B 26 2.77 25.45 7.94
CA GLY B 26 1.39 25.88 7.72
C GLY B 26 0.53 26.02 8.97
N PHE B 27 1.14 25.90 10.17
CA PHE B 27 0.42 26.02 11.45
C PHE B 27 1.38 26.42 12.57
N THR B 28 0.84 26.78 13.76
CA THR B 28 1.67 27.15 14.90
C THR B 28 2.09 25.84 15.58
N PHE B 29 3.23 25.26 15.16
CA PHE B 29 3.74 23.97 15.66
C PHE B 29 3.72 23.82 17.19
N SER B 30 4.21 24.86 17.91
CA SER B 30 4.34 24.92 19.38
C SER B 30 3.03 24.73 20.14
N SER B 31 1.89 25.05 19.51
CA SER B 31 0.55 24.94 20.09
C SER B 31 -0.08 23.54 19.98
N TYR B 32 0.62 22.56 19.36
CA TYR B 32 0.07 21.21 19.18
C TYR B 32 0.85 20.08 19.83
N ASP B 33 0.11 19.09 20.35
CA ASP B 33 0.62 17.84 20.85
C ASP B 33 0.91 17.03 19.58
N MET B 34 2.02 16.28 19.56
CA MET B 34 2.44 15.52 18.36
C MET B 34 2.67 14.04 18.67
N HIS B 35 2.59 13.18 17.62
CA HIS B 35 2.81 11.73 17.72
C HIS B 35 3.60 11.18 16.57
N TRP B 36 4.12 9.97 16.78
CA TRP B 36 4.74 9.09 15.79
C TRP B 36 3.87 7.84 15.85
N VAL B 37 3.40 7.38 14.69
CA VAL B 37 2.55 6.19 14.53
C VAL B 37 3.23 5.34 13.45
N ARG B 38 3.34 4.02 13.64
CA ARG B 38 3.97 3.15 12.66
C ARG B 38 3.03 2.11 12.07
N GLN B 39 3.38 1.57 10.89
CA GLN B 39 2.59 0.57 10.22
C GLN B 39 3.47 -0.32 9.38
N ALA B 40 3.58 -1.61 9.76
CA ALA B 40 4.32 -2.60 8.98
C ALA B 40 3.45 -2.95 7.77
N THR B 41 4.08 -3.33 6.63
CA THR B 41 3.39 -3.69 5.37
C THR B 41 2.31 -4.74 5.63
N GLY B 42 1.09 -4.44 5.19
CA GLY B 42 -0.07 -5.30 5.33
C GLY B 42 -0.62 -5.41 6.74
N LYS B 43 -0.09 -4.61 7.69
CA LYS B 43 -0.50 -4.67 9.09
C LYS B 43 -1.22 -3.41 9.54
N GLY B 44 -1.67 -3.39 10.79
CA GLY B 44 -2.40 -2.26 11.34
C GLY B 44 -1.55 -1.10 11.83
N LEU B 45 -2.23 -0.01 12.25
CA LEU B 45 -1.58 1.18 12.80
C LEU B 45 -1.14 0.91 14.23
N GLU B 46 0.09 1.33 14.57
CA GLU B 46 0.63 1.18 15.92
C GLU B 46 1.19 2.51 16.43
N TRP B 47 0.65 3.02 17.53
CA TRP B 47 1.12 4.26 18.16
C TRP B 47 2.49 4.02 18.80
N VAL B 48 3.47 4.88 18.45
CA VAL B 48 4.89 4.78 18.86
C VAL B 48 5.23 5.69 20.06
N SER B 49 4.78 6.96 20.03
CA SER B 49 5.11 7.94 21.06
C SER B 49 4.29 9.20 20.92
N ALA B 50 4.09 9.91 22.04
CA ALA B 50 3.37 11.19 22.12
C ALA B 50 4.24 12.21 22.80
N ILE B 51 4.05 13.47 22.44
CA ILE B 51 4.74 14.58 23.07
C ILE B 51 3.75 15.73 23.22
N GLY B 52 3.65 16.27 24.43
CA GLY B 52 2.78 17.39 24.70
C GLY B 52 3.44 18.70 24.32
N THR B 53 2.68 19.80 24.43
CA THR B 53 3.20 21.15 24.19
C THR B 53 4.28 21.53 25.21
N ALA B 54 4.24 20.93 26.43
CA ALA B 54 5.23 21.18 27.49
C ALA B 54 6.45 20.23 27.39
N GLY B 55 6.44 19.35 26.40
CA GLY B 55 7.53 18.40 26.19
C GLY B 55 7.40 17.09 26.97
N ASP B 56 6.27 16.91 27.68
CA ASP B 56 5.93 15.69 28.41
C ASP B 56 5.73 14.56 27.40
N THR B 57 6.36 13.39 27.63
CA THR B 57 6.37 12.27 26.69
C THR B 57 5.66 11.01 27.23
N TYR B 58 5.20 10.15 26.31
CA TYR B 58 4.45 8.91 26.60
C TYR B 58 4.84 7.90 25.57
N TYR B 59 5.03 6.64 25.99
CA TYR B 59 5.45 5.56 25.10
C TYR B 59 4.79 4.23 25.44
N PRO B 60 4.54 3.36 24.42
CA PRO B 60 4.03 2.02 24.71
C PRO B 60 5.20 1.12 25.18
N ASP B 61 4.88 -0.06 25.74
CA ASP B 61 5.88 -1.01 26.24
C ASP B 61 6.78 -1.59 25.15
N SER B 62 6.25 -1.75 23.91
CA SER B 62 6.97 -2.28 22.75
C SER B 62 8.21 -1.49 22.39
N VAL B 63 8.20 -0.20 22.73
CA VAL B 63 9.20 0.78 22.35
C VAL B 63 9.89 1.55 23.51
N LYS B 64 9.26 1.60 24.72
CA LYS B 64 9.81 2.33 25.87
C LYS B 64 11.24 1.92 26.23
N GLY B 65 12.08 2.91 26.53
CA GLY B 65 13.48 2.67 26.88
C GLY B 65 14.43 2.63 25.70
N ARG B 66 13.90 2.42 24.47
CA ARG B 66 14.70 2.38 23.24
C ARG B 66 14.45 3.59 22.35
N PHE B 67 13.24 4.16 22.42
CA PHE B 67 12.84 5.30 21.57
C PHE B 67 12.65 6.57 22.37
N THR B 68 13.06 7.71 21.80
CA THR B 68 12.86 9.01 22.42
C THR B 68 12.29 10.00 21.41
N ILE B 69 11.10 10.52 21.71
CA ILE B 69 10.46 11.56 20.93
C ILE B 69 10.93 12.90 21.54
N SER B 70 11.15 13.90 20.69
CA SER B 70 11.57 15.24 21.10
C SER B 70 11.05 16.25 20.09
N ARG B 71 10.95 17.52 20.51
CA ARG B 71 10.50 18.60 19.65
C ARG B 71 11.43 19.83 19.76
N GLU B 72 11.58 20.57 18.66
CA GLU B 72 12.38 21.80 18.57
C GLU B 72 11.46 22.83 17.91
N ASN B 73 10.70 23.55 18.74
CA ASN B 73 9.70 24.52 18.29
C ASN B 73 10.24 25.63 17.40
N ALA B 74 11.48 26.11 17.68
CA ALA B 74 12.17 27.15 16.91
C ALA B 74 12.49 26.69 15.49
N LYS B 75 12.57 25.36 15.28
CA LYS B 75 12.86 24.74 14.00
C LYS B 75 11.61 24.00 13.43
N ASN B 76 10.43 24.15 14.10
CA ASN B 76 9.13 23.52 13.75
C ASN B 76 9.31 22.04 13.45
N SER B 77 10.17 21.39 14.25
CA SER B 77 10.58 20.01 14.02
C SER B 77 10.24 19.04 15.13
N LEU B 78 9.88 17.82 14.72
CA LEU B 78 9.60 16.68 15.58
C LEU B 78 10.67 15.62 15.28
N TYR B 79 11.16 14.94 16.33
CA TYR B 79 12.18 13.90 16.13
C TYR B 79 11.83 12.58 16.78
N LEU B 80 12.39 11.49 16.24
CA LEU B 80 12.30 10.16 16.82
C LEU B 80 13.68 9.48 16.82
N GLN B 81 14.33 9.42 18.01
CA GLN B 81 15.59 8.70 18.18
C GLN B 81 15.25 7.25 18.52
N MET B 82 15.62 6.33 17.64
CA MET B 82 15.34 4.90 17.80
C MET B 82 16.66 4.16 17.99
N ASN B 83 16.79 3.44 19.13
CA ASN B 83 17.99 2.68 19.48
C ASN B 83 17.67 1.21 19.58
N SER B 84 18.72 0.35 19.62
CA SER B 84 18.64 -1.11 19.74
C SER B 84 17.50 -1.67 18.88
N LEU B 85 17.53 -1.32 17.58
CA LEU B 85 16.52 -1.68 16.60
C LEU B 85 16.43 -3.18 16.31
N ARG B 86 15.21 -3.66 16.05
CA ARG B 86 14.93 -5.06 15.71
C ARG B 86 13.96 -5.20 14.56
N ALA B 87 13.82 -6.43 14.00
CA ALA B 87 12.92 -6.77 12.90
C ALA B 87 11.50 -6.24 13.11
N GLY B 88 11.01 -6.29 14.35
CA GLY B 88 9.69 -5.79 14.73
C GLY B 88 9.50 -4.29 14.61
N ASP B 89 10.60 -3.55 14.36
CA ASP B 89 10.57 -2.08 14.22
C ASP B 89 10.44 -1.66 12.76
N THR B 90 10.67 -2.58 11.81
CA THR B 90 10.54 -2.34 10.37
C THR B 90 9.10 -1.93 10.11
N ALA B 91 8.91 -0.73 9.54
CA ALA B 91 7.58 -0.16 9.25
C ALA B 91 7.75 1.19 8.58
N VAL B 92 6.63 1.73 8.05
CA VAL B 92 6.54 3.11 7.59
C VAL B 92 6.17 3.89 8.88
N TYR B 93 6.92 4.97 9.16
CA TYR B 93 6.71 5.79 10.35
C TYR B 93 6.10 7.11 9.94
N TYR B 94 4.96 7.44 10.55
CA TYR B 94 4.26 8.68 10.26
C TYR B 94 4.43 9.70 11.40
N CYS B 95 4.59 10.96 11.00
CA CYS B 95 4.61 12.13 11.87
C CYS B 95 3.16 12.57 11.91
N VAL B 96 2.59 12.71 13.11
CA VAL B 96 1.16 12.98 13.29
C VAL B 96 0.89 14.13 14.22
N ARG B 97 -0.01 15.02 13.82
CA ARG B 97 -0.48 16.12 14.62
C ARG B 97 -1.75 15.72 15.38
N GLU B 98 -1.86 16.18 16.64
CA GLU B 98 -3.05 15.95 17.42
C GLU B 98 -3.87 17.23 17.39
N GLY B 99 -5.10 17.11 16.92
CA GLY B 99 -6.05 18.20 16.90
C GLY B 99 -6.82 18.22 18.20
N THR B 100 -7.26 19.42 18.62
CA THR B 100 -8.06 19.66 19.83
C THR B 100 -9.36 20.31 19.39
N TYR B 101 -10.50 19.81 19.92
CA TYR B 101 -11.84 20.28 19.57
C TYR B 101 -12.61 20.53 20.85
N TYR B 102 -13.20 21.71 20.99
CA TYR B 102 -13.94 22.04 22.19
C TYR B 102 -15.42 21.82 21.98
N HIS B 103 -16.00 20.88 22.74
CA HIS B 103 -17.43 20.56 22.73
C HIS B 103 -18.03 21.57 23.70
N ASP B 104 -18.69 22.60 23.16
CA ASP B 104 -19.30 23.70 23.92
C ASP B 104 -20.78 23.80 23.57
N SER B 105 -21.63 23.12 24.36
CA SER B 105 -23.08 23.11 24.14
C SER B 105 -23.87 23.73 25.29
N GLY B 106 -23.54 23.36 26.53
CA GLY B 106 -24.17 23.87 27.73
C GLY B 106 -23.15 24.21 28.81
N SER B 107 -23.00 23.39 29.90
CA SER B 107 -23.69 22.15 30.31
C SER B 107 -23.85 21.01 29.25
N ASP B 108 -22.77 20.24 28.98
CA ASP B 108 -21.46 20.37 29.61
C ASP B 108 -20.35 20.67 28.59
N ASN B 109 -19.24 21.25 29.06
CA ASN B 109 -18.10 21.63 28.23
C ASN B 109 -16.86 20.78 28.52
N TYR B 110 -16.23 20.28 27.45
CA TYR B 110 -15.02 19.45 27.49
C TYR B 110 -14.26 19.54 26.16
N TYR B 111 -13.03 19.02 26.16
CA TYR B 111 -12.20 18.95 24.95
C TYR B 111 -12.18 17.53 24.45
N SER B 112 -12.21 17.36 23.12
CA SER B 112 -12.08 16.06 22.44
C SER B 112 -10.84 16.11 21.54
N TYR B 113 -10.37 14.94 21.05
CA TYR B 113 -9.14 14.85 20.25
C TYR B 113 -9.26 14.02 18.97
N GLY B 114 -8.31 14.26 18.06
CA GLY B 114 -8.22 13.56 16.79
C GLY B 114 -6.85 13.72 16.17
N MET B 115 -6.39 12.69 15.44
CA MET B 115 -5.12 12.75 14.72
C MET B 115 -5.48 13.31 13.33
N ASP B 116 -5.54 14.65 13.24
CA ASP B 116 -6.01 15.38 12.06
C ASP B 116 -5.06 15.57 10.89
N VAL B 117 -3.74 15.57 11.14
CA VAL B 117 -2.74 15.76 10.08
C VAL B 117 -1.68 14.68 10.21
N TRP B 118 -1.44 13.96 9.12
CA TRP B 118 -0.44 12.89 9.04
C TRP B 118 0.50 13.19 7.87
N GLY B 119 1.77 12.91 8.04
CA GLY B 119 2.73 13.05 6.96
C GLY B 119 2.62 11.88 5.99
N GLN B 120 3.44 11.88 4.94
CA GLN B 120 3.45 10.82 3.90
C GLN B 120 4.11 9.54 4.45
N GLY B 121 4.99 9.71 5.42
CA GLY B 121 5.66 8.59 6.07
C GLY B 121 7.08 8.39 5.59
N THR B 122 7.89 7.76 6.43
CA THR B 122 9.28 7.42 6.12
C THR B 122 9.48 5.95 6.45
N THR B 123 10.10 5.19 5.53
CA THR B 123 10.29 3.75 5.66
C THR B 123 11.55 3.37 6.45
N VAL B 124 11.37 2.56 7.50
CA VAL B 124 12.49 2.06 8.32
C VAL B 124 12.60 0.54 8.08
N THR B 125 13.80 0.04 7.79
CA THR B 125 14.04 -1.40 7.58
C THR B 125 15.16 -1.86 8.48
N VAL B 126 14.87 -2.80 9.36
CA VAL B 126 15.88 -3.35 10.26
C VAL B 126 16.23 -4.74 9.76
N SER B 127 17.41 -4.87 9.16
CA SER B 127 17.90 -6.12 8.56
C SER B 127 19.40 -6.03 8.34
N SER B 128 20.06 -7.22 8.31
CA SER B 128 21.50 -7.38 8.05
C SER B 128 21.76 -7.57 6.53
N ALA B 129 20.68 -7.63 5.71
CA ALA B 129 20.76 -7.77 4.25
C ALA B 129 21.35 -6.50 3.65
N SER B 130 22.03 -6.65 2.51
CA SER B 130 22.67 -5.55 1.82
C SER B 130 21.71 -4.73 0.98
N THR B 131 22.03 -3.43 0.84
CA THR B 131 21.33 -2.58 -0.11
C THR B 131 21.71 -3.16 -1.48
N LYS B 132 20.71 -3.41 -2.34
CA LYS B 132 20.93 -3.94 -3.67
C LYS B 132 20.04 -3.19 -4.69
N GLY B 133 20.65 -2.74 -5.79
CA GLY B 133 19.92 -2.06 -6.86
C GLY B 133 19.19 -3.04 -7.76
N PRO B 134 18.00 -2.69 -8.30
CA PRO B 134 17.30 -3.66 -9.18
C PRO B 134 17.86 -3.72 -10.60
N SER B 135 17.47 -4.80 -11.33
CA SER B 135 17.72 -5.01 -12.75
C SER B 135 16.38 -4.71 -13.42
N VAL B 136 16.37 -3.89 -14.49
CA VAL B 136 15.12 -3.51 -15.15
C VAL B 136 15.05 -4.16 -16.53
N PHE B 137 14.05 -5.05 -16.72
CA PHE B 137 13.83 -5.80 -17.96
C PHE B 137 12.50 -5.46 -18.63
N PRO B 138 12.47 -5.37 -19.97
CA PRO B 138 11.18 -5.09 -20.63
C PRO B 138 10.22 -6.28 -20.67
N LEU B 139 8.91 -5.95 -20.69
CA LEU B 139 7.80 -6.87 -20.87
C LEU B 139 7.30 -6.40 -22.23
N ALA B 140 7.95 -6.88 -23.30
CA ALA B 140 7.71 -6.46 -24.68
C ALA B 140 6.31 -6.76 -25.18
N PRO B 141 5.65 -5.77 -25.83
CA PRO B 141 4.29 -6.03 -26.34
C PRO B 141 4.29 -7.11 -27.42
N SER B 142 3.31 -8.03 -27.32
CA SER B 142 3.10 -9.16 -28.23
C SER B 142 2.92 -8.68 -29.68
N SER B 143 3.44 -9.46 -30.64
CA SER B 143 3.34 -9.17 -32.08
C SER B 143 1.89 -9.42 -32.57
N LYS B 144 1.17 -10.32 -31.87
CA LYS B 144 -0.22 -10.75 -32.12
C LYS B 144 -1.26 -9.71 -31.66
N SER B 145 -0.82 -8.50 -31.24
CA SER B 145 -1.68 -7.40 -30.77
C SER B 145 -2.77 -7.04 -31.79
N THR B 146 -4.04 -7.22 -31.39
CA THR B 146 -5.26 -6.99 -32.19
C THR B 146 -5.36 -5.55 -32.72
N SER B 147 -5.52 -5.41 -34.06
CA SER B 147 -5.67 -4.12 -34.76
C SER B 147 -6.91 -3.39 -34.23
N GLY B 148 -6.70 -2.16 -33.77
CA GLY B 148 -7.75 -1.33 -33.20
C GLY B 148 -8.10 -1.75 -31.78
N GLY B 149 -7.33 -2.69 -31.24
CA GLY B 149 -7.50 -3.23 -29.90
C GLY B 149 -6.52 -2.67 -28.90
N THR B 150 -6.42 -3.33 -27.75
CA THR B 150 -5.57 -2.91 -26.65
C THR B 150 -4.35 -3.83 -26.51
N ALA B 151 -3.17 -3.22 -26.38
CA ALA B 151 -1.90 -3.92 -26.22
C ALA B 151 -1.32 -3.65 -24.83
N ALA B 152 -0.69 -4.65 -24.22
CA ALA B 152 -0.08 -4.49 -22.90
C ALA B 152 1.43 -4.59 -22.99
N LEU B 153 2.10 -3.73 -22.20
CA LEU B 153 3.55 -3.72 -22.08
C LEU B 153 3.96 -3.31 -20.68
N GLY B 154 5.22 -3.50 -20.34
CA GLY B 154 5.68 -3.15 -19.02
C GLY B 154 7.15 -3.30 -18.77
N CYS B 155 7.51 -3.19 -17.49
CA CYS B 155 8.86 -3.34 -16.99
C CYS B 155 8.87 -4.26 -15.78
N LEU B 156 9.82 -5.21 -15.76
CA LEU B 156 10.04 -6.07 -14.61
C LEU B 156 11.22 -5.49 -13.82
N VAL B 157 11.00 -5.16 -12.54
CA VAL B 157 12.00 -4.56 -11.62
C VAL B 157 12.39 -5.68 -10.65
N LYS B 158 13.50 -6.36 -10.93
CA LYS B 158 13.90 -7.55 -10.17
C LYS B 158 15.11 -7.41 -9.29
N ASP B 159 15.06 -8.08 -8.12
CA ASP B 159 16.15 -8.27 -7.16
C ASP B 159 16.70 -7.01 -6.54
N TYR B 160 15.89 -6.36 -5.72
CA TYR B 160 16.31 -5.15 -5.03
C TYR B 160 15.98 -5.24 -3.56
N PHE B 161 16.73 -4.48 -2.76
CA PHE B 161 16.53 -4.37 -1.32
C PHE B 161 17.20 -3.09 -0.81
N PRO B 162 16.56 -2.32 0.10
CA PRO B 162 15.20 -2.49 0.65
C PRO B 162 14.13 -1.82 -0.23
N GLU B 163 12.88 -1.75 0.26
CA GLU B 163 11.80 -1.04 -0.39
C GLU B 163 12.02 0.45 -0.06
N PRO B 164 11.50 1.42 -0.85
CA PRO B 164 10.65 1.28 -2.03
C PRO B 164 11.32 1.61 -3.36
N VAL B 165 10.63 1.28 -4.46
CA VAL B 165 10.97 1.65 -5.83
C VAL B 165 9.77 2.39 -6.34
N THR B 166 10.00 3.40 -7.20
CA THR B 166 8.93 4.11 -7.88
C THR B 166 9.12 3.86 -9.36
N VAL B 167 8.00 3.77 -10.09
CA VAL B 167 7.98 3.58 -11.54
C VAL B 167 7.00 4.61 -12.09
N SER B 168 7.43 5.36 -13.12
CA SER B 168 6.61 6.27 -13.89
C SER B 168 6.79 5.87 -15.33
N TRP B 169 5.88 6.30 -16.21
CA TRP B 169 5.94 6.01 -17.64
C TRP B 169 6.05 7.32 -18.38
N ASN B 170 7.01 7.39 -19.33
CA ASN B 170 7.30 8.54 -20.18
C ASN B 170 7.45 9.84 -19.38
N SER B 171 8.21 9.76 -18.27
CA SER B 171 8.51 10.87 -17.34
C SER B 171 7.25 11.51 -16.74
N GLY B 172 6.27 10.66 -16.41
CA GLY B 172 5.01 11.05 -15.79
C GLY B 172 3.92 11.48 -16.73
N ALA B 173 4.19 11.49 -18.05
CA ALA B 173 3.23 11.86 -19.09
C ALA B 173 2.19 10.77 -19.31
N LEU B 174 2.59 9.49 -19.20
CA LEU B 174 1.70 8.34 -19.34
C LEU B 174 1.32 7.82 -17.96
N THR B 175 0.05 8.07 -17.56
CA THR B 175 -0.50 7.67 -16.26
C THR B 175 -1.74 6.78 -16.44
N SER B 176 -2.45 6.94 -17.55
CA SER B 176 -3.69 6.20 -17.81
C SER B 176 -3.43 4.76 -18.23
N GLY B 177 -4.16 3.83 -17.60
CA GLY B 177 -4.05 2.40 -17.86
C GLY B 177 -2.82 1.76 -17.26
N VAL B 178 -2.13 2.49 -16.37
CA VAL B 178 -0.92 2.05 -15.69
C VAL B 178 -1.26 1.25 -14.43
N HIS B 179 -0.58 0.11 -14.22
CA HIS B 179 -0.71 -0.72 -13.03
C HIS B 179 0.69 -1.09 -12.53
N THR B 180 1.10 -0.48 -11.42
CA THR B 180 2.37 -0.79 -10.76
C THR B 180 1.96 -1.70 -9.60
N PHE B 181 2.37 -2.96 -9.68
CA PHE B 181 2.03 -3.97 -8.71
C PHE B 181 2.80 -3.83 -7.42
N PRO B 182 2.19 -4.13 -6.25
CA PRO B 182 2.98 -4.08 -5.00
C PRO B 182 4.13 -5.07 -5.08
N ALA B 183 5.26 -4.73 -4.46
CA ALA B 183 6.45 -5.58 -4.44
C ALA B 183 6.16 -6.88 -3.72
N VAL B 184 6.76 -7.96 -4.20
CA VAL B 184 6.62 -9.26 -3.57
C VAL B 184 8.02 -9.69 -3.14
N LEU B 185 8.11 -10.21 -1.91
CA LEU B 185 9.35 -10.71 -1.37
C LEU B 185 9.62 -12.10 -1.97
N GLN B 186 10.72 -12.25 -2.68
CA GLN B 186 11.09 -13.53 -3.24
C GLN B 186 11.74 -14.41 -2.15
N SER B 187 11.87 -15.71 -2.41
CA SER B 187 12.46 -16.67 -1.47
C SER B 187 13.90 -16.27 -1.05
N SER B 188 14.63 -15.56 -1.94
CA SER B 188 15.98 -15.04 -1.71
C SER B 188 16.05 -13.86 -0.70
N GLY B 189 14.91 -13.25 -0.40
CA GLY B 189 14.85 -12.10 0.49
C GLY B 189 14.91 -10.79 -0.27
N LEU B 190 14.98 -10.88 -1.63
CA LEU B 190 15.01 -9.71 -2.50
C LEU B 190 13.63 -9.39 -3.06
N TYR B 191 13.33 -8.11 -3.27
CA TYR B 191 12.05 -7.72 -3.82
C TYR B 191 12.03 -7.78 -5.33
N SER B 192 10.85 -7.97 -5.89
CA SER B 192 10.59 -7.99 -7.32
C SER B 192 9.21 -7.39 -7.53
N LEU B 193 9.04 -6.70 -8.66
CA LEU B 193 7.83 -5.96 -8.98
C LEU B 193 7.73 -5.75 -10.48
N SER B 194 6.50 -5.66 -11.00
CA SER B 194 6.26 -5.33 -12.39
C SER B 194 5.36 -4.11 -12.45
N SER B 195 5.61 -3.24 -13.44
CA SER B 195 4.75 -2.10 -13.71
C SER B 195 4.28 -2.28 -15.14
N VAL B 196 2.95 -2.33 -15.34
CA VAL B 196 2.35 -2.53 -16.64
C VAL B 196 1.52 -1.34 -17.08
N VAL B 197 1.22 -1.29 -18.38
CA VAL B 197 0.40 -0.29 -19.02
C VAL B 197 -0.24 -0.88 -20.28
N THR B 198 -1.55 -0.64 -20.46
CA THR B 198 -2.27 -1.07 -21.66
C THR B 198 -2.50 0.18 -22.51
N VAL B 199 -2.10 0.11 -23.79
CA VAL B 199 -2.18 1.22 -24.76
C VAL B 199 -2.84 0.71 -26.06
N PRO B 200 -3.31 1.58 -26.98
CA PRO B 200 -3.85 1.06 -28.25
C PRO B 200 -2.74 0.40 -29.08
N SER B 201 -3.06 -0.72 -29.74
CA SER B 201 -2.13 -1.49 -30.59
C SER B 201 -1.53 -0.65 -31.72
N SER B 202 -2.27 0.39 -32.18
CA SER B 202 -1.87 1.33 -33.25
C SER B 202 -0.62 2.11 -32.87
N SER B 203 -0.56 2.58 -31.60
CA SER B 203 0.53 3.37 -31.03
C SER B 203 1.85 2.62 -30.87
N LEU B 204 1.84 1.27 -30.90
CA LEU B 204 3.03 0.42 -30.74
C LEU B 204 4.20 0.79 -31.65
N GLY B 205 3.91 1.11 -32.91
CA GLY B 205 4.91 1.50 -33.89
C GLY B 205 5.37 2.94 -33.74
N THR B 206 4.41 3.87 -33.59
CA THR B 206 4.63 5.31 -33.48
C THR B 206 5.12 5.82 -32.11
N GLN B 207 4.34 5.57 -31.03
CA GLN B 207 4.64 6.02 -29.66
C GLN B 207 5.76 5.26 -28.97
N THR B 208 6.70 6.02 -28.36
CA THR B 208 7.84 5.50 -27.60
C THR B 208 7.45 5.29 -26.13
N TYR B 209 7.70 4.07 -25.61
CA TYR B 209 7.39 3.72 -24.22
C TYR B 209 8.64 3.50 -23.37
N ILE B 210 8.80 4.35 -22.34
CA ILE B 210 9.94 4.29 -21.41
C ILE B 210 9.43 4.24 -19.98
N CYS B 211 9.91 3.27 -19.20
CA CYS B 211 9.60 3.17 -17.78
C CYS B 211 10.74 3.81 -16.99
N ASN B 212 10.40 4.75 -16.11
CA ASN B 212 11.39 5.48 -15.31
C ASN B 212 11.35 4.89 -13.93
N VAL B 213 12.33 4.03 -13.65
CA VAL B 213 12.46 3.31 -12.40
C VAL B 213 13.43 4.08 -11.49
N ASN B 214 13.03 4.27 -10.23
CA ASN B 214 13.88 4.91 -9.24
C ASN B 214 13.88 4.13 -7.94
N HIS B 215 15.06 3.61 -7.57
CA HIS B 215 15.29 2.91 -6.30
C HIS B 215 16.26 3.79 -5.56
N LYS B 216 15.71 4.82 -4.85
CA LYS B 216 16.49 5.78 -4.05
C LYS B 216 17.40 5.11 -3.01
N PRO B 217 16.96 4.04 -2.27
CA PRO B 217 17.87 3.42 -1.28
C PRO B 217 19.23 2.93 -1.80
N SER B 218 19.30 2.54 -3.11
CA SER B 218 20.54 2.08 -3.73
C SER B 218 21.13 3.06 -4.75
N ASN B 219 20.52 4.26 -4.88
CA ASN B 219 20.98 5.27 -5.84
C ASN B 219 20.91 4.75 -7.30
N THR B 220 19.83 3.99 -7.60
CA THR B 220 19.58 3.41 -8.91
C THR B 220 18.42 4.07 -9.62
N LYS B 221 18.75 4.87 -10.64
CA LYS B 221 17.80 5.53 -11.52
C LYS B 221 18.03 4.91 -12.89
N VAL B 222 17.00 4.27 -13.45
CA VAL B 222 17.09 3.57 -14.75
C VAL B 222 15.88 3.94 -15.58
N ASP B 223 16.12 4.22 -16.87
CA ASP B 223 15.09 4.52 -17.86
C ASP B 223 15.18 3.39 -18.89
N LYS B 224 14.15 2.53 -18.94
CA LYS B 224 14.16 1.42 -19.88
C LYS B 224 13.12 1.58 -20.96
N ARG B 225 13.56 1.54 -22.23
CA ARG B 225 12.69 1.63 -23.40
C ARG B 225 12.07 0.25 -23.62
N VAL B 226 10.75 0.21 -23.85
CA VAL B 226 10.00 -1.01 -24.07
C VAL B 226 9.42 -0.95 -25.47
N GLU B 227 9.89 -1.85 -26.33
CA GLU B 227 9.50 -1.90 -27.74
C GLU B 227 9.18 -3.32 -28.20
N PRO B 228 8.38 -3.51 -29.28
CA PRO B 228 8.13 -4.89 -29.77
C PRO B 228 9.42 -5.56 -30.24
N SER B 229 9.60 -6.85 -29.87
CA SER B 229 10.78 -7.66 -30.22
C SER B 229 10.70 -8.13 -31.66
#